data_6VBK
#
_entry.id   6VBK
#
_cell.length_a   50.344
_cell.length_b   77.454
_cell.length_c   53.252
_cell.angle_alpha   90.000
_cell.angle_beta   93.257
_cell.angle_gamma   90.000
#
_symmetry.space_group_name_H-M   'P 1 21 1'
#
loop_
_entity.id
_entity.type
_entity.pdbx_description
1 polymer Lon211
2 non-polymer GLYCEROL
3 water water
#
_entity_poly.entity_id   1
_entity_poly.type   'polypeptide(L)'
_entity_poly.pdbx_seq_one_letter_code
;AMDLELSMSETLTLPVLPLEDGVVLPGMVVPLDLSENGEVRAAIEAARAAAQSRGPGIRSVSKPRVLLVPRLNGRYADVG
TLGVIEQEGRLPGGEPGAVVRGVSRVRIGTGTTGPGAALWVEGTVLEAPPASGRAQELAKEYKGLVSAILQKRGAWQVVD
VVQQIDDPSTLADNSGYAPYLTDEQKIEVLETVDVVERLELVIGWTRDHLAE
;
_entity_poly.pdbx_strand_id   A,B
#
# COMPACT_ATOMS: atom_id res chain seq x y z
N ALA A 1 -28.99 -35.96 -3.72
CA ALA A 1 -28.81 -34.99 -2.65
C ALA A 1 -28.20 -35.64 -1.42
N MET A 2 -27.32 -34.89 -0.75
CA MET A 2 -26.66 -35.34 0.47
C MET A 2 -27.01 -34.39 1.61
N ASP A 3 -27.02 -34.93 2.83
CA ASP A 3 -27.53 -34.17 3.96
C ASP A 3 -26.56 -33.09 4.42
N LEU A 4 -25.38 -33.49 4.92
CA LEU A 4 -24.33 -32.56 5.32
C LEU A 4 -24.82 -31.52 6.33
N GLU A 5 -24.78 -31.86 7.61
CA GLU A 5 -25.24 -30.97 8.66
C GLU A 5 -24.17 -30.83 9.73
N LEU A 6 -24.14 -29.66 10.37
CA LEU A 6 -23.15 -29.32 11.40
C LEU A 6 -21.72 -29.39 10.87
N SER A 7 -21.55 -29.13 9.58
CA SER A 7 -20.22 -29.11 8.95
C SER A 7 -19.89 -27.69 8.51
N MET A 8 -18.67 -27.53 7.98
CA MET A 8 -18.07 -26.21 7.76
C MET A 8 -18.08 -25.40 9.06
N SER A 9 -17.82 -26.08 10.16
CA SER A 9 -17.80 -25.45 11.47
C SER A 9 -16.62 -24.48 11.57
N GLU A 10 -16.78 -23.48 12.44
CA GLU A 10 -15.78 -22.39 12.60
C GLU A 10 -14.64 -22.77 13.56
N THR A 11 -14.67 -23.98 14.13
CA THR A 11 -13.61 -24.39 15.05
C THR A 11 -12.58 -25.23 14.30
N LEU A 12 -11.34 -24.75 14.25
CA LEU A 12 -10.26 -25.43 13.57
C LEU A 12 -9.29 -26.03 14.57
N THR A 13 -8.50 -26.98 14.11
CA THR A 13 -7.40 -27.56 14.87
C THR A 13 -6.11 -27.20 14.14
N LEU A 14 -5.31 -26.32 14.74
CA LEU A 14 -4.15 -25.75 14.07
C LEU A 14 -2.90 -25.92 14.92
N PRO A 15 -1.73 -26.06 14.28
CA PRO A 15 -0.48 -26.09 15.03
C PRO A 15 -0.05 -24.68 15.43
N VAL A 16 0.50 -24.58 16.63
CA VAL A 16 0.87 -23.28 17.19
C VAL A 16 2.30 -22.94 16.75
N LEU A 17 2.43 -21.82 16.03
CA LEU A 17 3.74 -21.26 15.74
C LEU A 17 3.98 -20.15 16.75
N PRO A 18 4.80 -20.36 17.77
CA PRO A 18 4.98 -19.34 18.80
C PRO A 18 5.87 -18.20 18.32
N LEU A 19 5.47 -16.98 18.67
CA LEU A 19 6.25 -15.78 18.39
C LEU A 19 6.79 -15.29 19.73
N GLU A 20 8.08 -15.54 19.97
CA GLU A 20 8.66 -15.32 21.29
C GLU A 20 8.66 -13.83 21.66
N ASP A 21 9.05 -12.96 20.72
CA ASP A 21 8.97 -11.53 20.92
C ASP A 21 8.57 -10.89 19.58
N GLY A 22 7.31 -11.10 19.22
CA GLY A 22 6.77 -10.53 18.00
C GLY A 22 5.29 -10.80 17.91
N VAL A 23 4.61 -9.96 17.13
CA VAL A 23 3.17 -10.06 16.91
C VAL A 23 2.92 -9.93 15.42
N VAL A 24 2.20 -10.91 14.86
CA VAL A 24 1.75 -10.84 13.46
C VAL A 24 0.24 -10.68 13.47
N LEU A 25 -0.23 -9.60 12.88
CA LEU A 25 -1.65 -9.28 12.80
C LEU A 25 -2.19 -9.61 11.43
N PRO A 26 -3.51 -9.81 11.31
CA PRO A 26 -4.11 -10.09 10.00
C PRO A 26 -3.79 -8.99 9.00
N GLY A 27 -3.53 -9.38 7.76
CA GLY A 27 -3.14 -8.47 6.71
C GLY A 27 -1.66 -8.22 6.60
N MET A 28 -0.88 -8.55 7.64
CA MET A 28 0.56 -8.33 7.59
C MET A 28 1.25 -9.44 6.82
N VAL A 29 2.33 -9.08 6.14
CA VAL A 29 3.21 -10.01 5.45
C VAL A 29 4.61 -9.80 6.03
N VAL A 30 5.12 -10.78 6.76
CA VAL A 30 6.38 -10.62 7.47
C VAL A 30 7.27 -11.81 7.17
N PRO A 31 8.59 -11.64 7.31
CA PRO A 31 9.50 -12.78 7.25
C PRO A 31 9.66 -13.43 8.62
N LEU A 32 10.03 -14.72 8.59
CA LEU A 32 10.21 -15.50 9.80
C LEU A 32 11.58 -16.15 9.78
N ASP A 33 12.37 -15.90 10.83
CA ASP A 33 13.71 -16.53 10.93
C ASP A 33 13.53 -17.92 11.57
N LEU A 34 13.59 -18.98 10.78
CA LEU A 34 13.38 -20.35 11.34
C LEU A 34 14.68 -20.86 12.00
N SER A 35 15.78 -20.13 11.92
CA SER A 35 17.01 -20.66 12.60
C SER A 35 16.91 -20.60 14.13
N GLU A 36 16.43 -19.48 14.67
CA GLU A 36 16.43 -19.23 16.15
C GLU A 36 15.53 -20.13 17.01
N ASN A 37 14.28 -20.37 16.65
CA ASN A 37 13.41 -21.17 17.56
C ASN A 37 12.90 -22.44 16.88
N GLY A 38 13.19 -23.59 17.48
CA GLY A 38 12.80 -24.91 16.94
C GLY A 38 11.29 -25.09 16.80
N GLU A 39 10.53 -24.59 17.77
CA GLU A 39 9.05 -24.73 17.74
C GLU A 39 8.46 -24.09 16.48
N VAL A 40 9.21 -23.20 15.82
CA VAL A 40 8.65 -22.50 14.67
C VAL A 40 8.63 -23.41 13.45
N ARG A 41 9.78 -24.01 13.11
CA ARG A 41 9.81 -24.93 11.98
C ARG A 41 8.98 -26.18 12.25
N ALA A 42 8.91 -26.63 13.51
CA ALA A 42 8.08 -27.77 13.85
C ALA A 42 6.61 -27.49 13.61
N ALA A 43 6.17 -26.25 13.84
CA ALA A 43 4.78 -25.90 13.58
C ALA A 43 4.48 -25.90 12.09
N ILE A 44 5.42 -25.44 11.27
CA ILE A 44 5.24 -25.46 9.82
C ILE A 44 5.24 -26.89 9.31
N GLU A 45 6.14 -27.73 9.83
CA GLU A 45 6.18 -29.12 9.42
C GLU A 45 4.93 -29.87 9.85
N ALA A 46 4.43 -29.59 11.06
CA ALA A 46 3.20 -30.22 11.52
C ALA A 46 2.00 -29.79 10.69
N ALA A 47 1.96 -28.52 10.30
CA ALA A 47 0.88 -28.04 9.42
C ALA A 47 0.96 -28.73 8.07
N ARG A 48 2.17 -28.90 7.54
CA ARG A 48 2.34 -29.56 6.24
C ARG A 48 2.05 -31.05 6.33
N ALA A 49 2.38 -31.68 7.46
CA ALA A 49 2.13 -33.10 7.62
C ALA A 49 0.64 -33.40 7.70
N ALA A 50 -0.12 -32.56 8.41
CA ALA A 50 -1.56 -32.76 8.50
C ALA A 50 -2.22 -32.61 7.13
N ALA A 51 -1.68 -31.74 6.28
CA ALA A 51 -2.20 -31.62 4.92
C ALA A 51 -1.90 -32.85 4.09
N GLN A 52 -0.82 -33.56 4.40
CA GLN A 52 -0.45 -34.77 3.68
C GLN A 52 -1.12 -36.02 4.23
N SER A 53 -1.71 -35.95 5.41
CA SER A 53 -2.55 -37.05 5.91
C SER A 53 -3.97 -36.95 5.40
N ARG A 54 -4.43 -35.75 5.07
CA ARG A 54 -5.69 -35.58 4.36
C ARG A 54 -5.58 -35.97 2.89
N GLY A 55 -4.40 -36.41 2.46
CA GLY A 55 -4.18 -36.84 1.11
C GLY A 55 -4.21 -35.69 0.13
N PRO A 56 -3.79 -35.94 -1.11
CA PRO A 56 -4.01 -34.95 -2.17
C PRO A 56 -5.48 -34.88 -2.53
N VAL A 61 -2.43 -27.82 -3.49
CA VAL A 61 -2.28 -26.37 -3.65
C VAL A 61 -2.23 -25.66 -2.31
N SER A 62 -2.69 -26.33 -1.24
CA SER A 62 -2.71 -25.75 0.09
C SER A 62 -1.32 -25.37 0.58
N LYS A 63 -1.00 -24.09 0.52
CA LYS A 63 0.13 -23.59 1.28
C LYS A 63 -0.14 -23.80 2.76
N PRO A 64 0.80 -24.33 3.53
CA PRO A 64 0.50 -24.70 4.92
C PRO A 64 0.07 -23.50 5.75
N ARG A 65 -0.88 -23.73 6.64
CA ARG A 65 -1.43 -22.69 7.50
C ARG A 65 -1.16 -23.02 8.96
N VAL A 66 -0.65 -22.04 9.69
CA VAL A 66 -0.32 -22.19 11.11
C VAL A 66 -1.10 -21.16 11.90
N LEU A 67 -1.02 -21.27 13.22
CA LEU A 67 -1.65 -20.33 14.13
C LEU A 67 -0.54 -19.52 14.80
N LEU A 68 -0.37 -18.29 14.36
CA LEU A 68 0.67 -17.40 14.88
C LEU A 68 0.21 -16.83 16.22
N VAL A 69 0.78 -17.35 17.30
CA VAL A 69 0.40 -16.97 18.66
C VAL A 69 1.58 -16.27 19.32
N PRO A 70 1.46 -15.00 19.69
CA PRO A 70 2.55 -14.34 20.42
C PRO A 70 2.66 -14.90 21.82
N ARG A 71 3.91 -15.14 22.24
CA ARG A 71 4.20 -15.70 23.56
C ARG A 71 5.14 -14.73 24.28
N LEU A 72 4.57 -13.86 25.09
CA LEU A 72 5.38 -12.89 25.83
C LEU A 72 5.93 -13.55 27.08
N ASN A 73 7.23 -13.84 27.07
CA ASN A 73 7.94 -14.33 28.26
C ASN A 73 7.31 -15.61 28.81
N GLY A 74 6.97 -16.52 27.91
CA GLY A 74 6.46 -17.81 28.32
C GLY A 74 4.97 -17.88 28.58
N ARG A 75 4.17 -17.08 27.89
CA ARG A 75 2.72 -17.12 28.07
C ARG A 75 2.06 -16.69 26.76
N TYR A 76 1.16 -17.53 26.27
CA TYR A 76 0.50 -17.28 24.98
C TYR A 76 -0.69 -16.35 25.14
N ALA A 77 -0.97 -15.58 24.10
CA ALA A 77 -2.11 -14.68 24.10
C ALA A 77 -3.42 -15.46 23.97
N ASP A 78 -4.53 -14.78 24.27
CA ASP A 78 -5.85 -15.37 24.13
C ASP A 78 -6.35 -15.41 22.70
N VAL A 79 -5.72 -14.67 21.79
CA VAL A 79 -6.10 -14.65 20.39
C VAL A 79 -4.84 -14.88 19.55
N GLY A 80 -4.98 -15.71 18.52
CA GLY A 80 -3.93 -15.95 17.56
C GLY A 80 -4.31 -15.42 16.18
N THR A 81 -3.34 -15.49 15.27
CA THR A 81 -3.54 -15.03 13.90
C THR A 81 -3.33 -16.22 12.96
N LEU A 82 -4.39 -16.59 12.24
CA LEU A 82 -4.27 -17.61 11.20
C LEU A 82 -3.35 -17.09 10.10
N GLY A 83 -2.23 -17.78 9.89
CA GLY A 83 -1.22 -17.34 8.95
C GLY A 83 -0.98 -18.37 7.88
N VAL A 84 -0.62 -17.90 6.69
CA VAL A 84 -0.34 -18.76 5.54
C VAL A 84 1.15 -18.69 5.23
N ILE A 85 1.81 -19.84 5.22
CA ILE A 85 3.20 -19.91 4.80
C ILE A 85 3.25 -19.73 3.30
N GLU A 86 3.41 -18.48 2.85
CA GLU A 86 3.32 -18.18 1.42
C GLU A 86 4.52 -18.72 0.64
N GLN A 87 5.68 -18.75 1.28
CA GLN A 87 6.93 -18.95 0.55
C GLN A 87 8.04 -19.17 1.56
N GLU A 88 9.02 -19.98 1.17
CA GLU A 88 10.21 -20.21 1.97
C GLU A 88 11.43 -19.70 1.21
N GLY A 89 12.34 -19.06 1.93
CA GLY A 89 13.54 -18.52 1.35
C GLY A 89 14.72 -18.58 2.28
N ARG A 90 15.74 -17.76 2.03
CA ARG A 90 16.94 -17.71 2.87
C ARG A 90 17.24 -16.28 3.27
N LEU A 91 17.61 -16.11 4.52
CA LEU A 91 18.00 -14.84 5.10
C LEU A 91 19.49 -14.60 4.87
N PRO A 92 19.97 -13.36 5.01
CA PRO A 92 21.36 -13.06 4.61
C PRO A 92 22.42 -13.96 5.23
N GLY A 93 22.18 -14.51 6.43
CA GLY A 93 23.15 -15.38 7.05
C GLY A 93 22.94 -16.83 6.68
N GLY A 94 22.16 -17.06 5.63
CA GLY A 94 21.83 -18.41 5.21
C GLY A 94 20.76 -19.08 6.04
N GLU A 95 20.08 -18.35 6.91
CA GLU A 95 19.05 -18.95 7.75
C GLU A 95 17.87 -19.40 6.91
N PRO A 96 17.28 -20.55 7.23
CA PRO A 96 16.00 -20.92 6.61
C PRO A 96 14.94 -19.89 6.99
N GLY A 97 14.25 -19.37 5.98
CA GLY A 97 13.26 -18.34 6.19
C GLY A 97 11.95 -18.70 5.54
N ALA A 98 10.88 -18.07 6.03
CA ALA A 98 9.54 -18.28 5.50
C ALA A 98 8.80 -16.95 5.47
N VAL A 99 8.01 -16.76 4.42
CA VAL A 99 7.13 -15.60 4.30
C VAL A 99 5.74 -16.03 4.76
N VAL A 100 5.20 -15.34 5.76
CA VAL A 100 3.89 -15.67 6.31
C VAL A 100 2.99 -14.45 6.16
N ARG A 101 1.72 -14.71 5.84
CA ARG A 101 0.71 -13.67 5.67
C ARG A 101 -0.42 -13.92 6.65
N GLY A 102 -0.65 -12.97 7.55
CA GLY A 102 -1.77 -13.08 8.46
C GLY A 102 -3.09 -12.92 7.73
N VAL A 103 -4.08 -13.72 8.14
CA VAL A 103 -5.37 -13.79 7.47
C VAL A 103 -6.50 -13.30 8.36
N SER A 104 -6.61 -13.86 9.57
CA SER A 104 -7.74 -13.53 10.43
C SER A 104 -7.40 -13.87 11.87
N ARG A 105 -8.16 -13.28 12.79
CA ARG A 105 -8.02 -13.59 14.21
C ARG A 105 -8.67 -14.93 14.52
N VAL A 106 -8.07 -15.66 15.45
CA VAL A 106 -8.58 -16.93 15.93
C VAL A 106 -8.55 -16.88 17.45
N ARG A 107 -9.74 -16.86 18.07
CA ARG A 107 -9.80 -16.91 19.52
C ARG A 107 -9.21 -18.23 20.01
N ILE A 108 -8.11 -18.18 20.75
CA ILE A 108 -7.43 -19.43 21.24
C ILE A 108 -8.33 -20.24 22.18
N GLY A 109 -8.61 -21.49 21.82
CA GLY A 109 -9.42 -22.44 22.61
C GLY A 109 -8.55 -23.46 23.34
N THR A 110 -9.14 -24.58 23.75
CA THR A 110 -8.43 -25.66 24.50
C THR A 110 -7.42 -26.38 23.60
N GLY A 111 -6.36 -26.93 24.21
CA GLY A 111 -5.29 -27.66 23.51
C GLY A 111 -5.75 -29.03 23.03
N THR A 112 -5.04 -29.59 22.04
CA THR A 112 -5.41 -30.92 21.46
C THR A 112 -4.16 -31.61 20.91
N THR A 113 -4.31 -32.84 20.42
CA THR A 113 -3.18 -33.61 19.86
C THR A 113 -3.18 -33.51 18.32
N GLY A 114 -2.03 -33.82 17.71
CA GLY A 114 -1.83 -33.80 16.28
C GLY A 114 -0.46 -34.30 15.88
N PRO A 115 -0.23 -34.43 14.58
CA PRO A 115 1.06 -34.93 14.09
C PRO A 115 2.17 -33.92 14.32
N GLY A 116 3.40 -34.38 14.06
CA GLY A 116 4.56 -33.53 14.26
C GLY A 116 4.89 -33.37 15.73
N ALA A 117 5.81 -32.43 15.99
CA ALA A 117 6.27 -32.13 17.33
C ALA A 117 5.70 -30.81 17.85
N ALA A 118 4.79 -30.19 17.12
CA ALA A 118 4.22 -28.91 17.51
C ALA A 118 3.02 -29.11 18.44
N LEU A 119 2.71 -28.05 19.18
CA LEU A 119 1.51 -28.05 20.01
C LEU A 119 0.31 -27.73 19.15
N TRP A 120 -0.70 -28.60 19.18
CA TRP A 120 -1.94 -28.40 18.43
C TRP A 120 -3.01 -27.86 19.37
N VAL A 121 -3.69 -26.80 18.94
CA VAL A 121 -4.78 -26.22 19.70
C VAL A 121 -6.01 -26.13 18.81
N GLU A 122 -7.16 -26.05 19.46
CA GLU A 122 -8.42 -25.78 18.78
C GLU A 122 -8.73 -24.30 18.89
N GLY A 123 -9.45 -23.78 17.89
CA GLY A 123 -9.77 -22.36 17.88
C GLY A 123 -10.86 -21.98 16.90
N THR A 124 -11.60 -20.93 17.22
CA THR A 124 -12.68 -20.45 16.36
C THR A 124 -12.22 -19.21 15.62
N VAL A 125 -12.29 -19.25 14.29
CA VAL A 125 -11.91 -18.10 13.48
C VAL A 125 -12.92 -16.98 13.70
N LEU A 126 -12.42 -15.76 13.92
CA LEU A 126 -13.26 -14.59 14.10
C LEU A 126 -13.34 -13.85 12.77
N GLU A 127 -14.30 -14.27 11.94
CA GLU A 127 -14.55 -13.65 10.62
C GLU A 127 -14.86 -12.17 10.84
N ALA A 128 -14.15 -11.27 10.16
CA ALA A 128 -14.37 -9.84 10.35
C ALA A 128 -15.74 -9.43 9.80
N PRO A 129 -16.52 -8.67 10.56
CA PRO A 129 -17.82 -8.21 10.08
C PRO A 129 -17.65 -7.06 9.10
N PRO A 130 -18.71 -6.67 8.39
CA PRO A 130 -18.62 -5.48 7.54
C PRO A 130 -18.33 -4.23 8.36
N ALA A 131 -17.57 -3.32 7.77
CA ALA A 131 -17.10 -2.14 8.49
C ALA A 131 -18.26 -1.20 8.80
N SER A 132 -18.25 -0.64 10.00
CA SER A 132 -19.28 0.29 10.45
C SER A 132 -18.93 1.72 10.02
N GLY A 133 -19.82 2.65 10.37
CA GLY A 133 -19.61 4.04 9.97
C GLY A 133 -18.46 4.70 10.70
N ARG A 134 -18.38 4.51 12.01
CA ARG A 134 -17.27 5.10 12.77
C ARG A 134 -15.94 4.48 12.38
N ALA A 135 -15.93 3.20 12.01
CA ALA A 135 -14.70 2.55 11.57
C ALA A 135 -14.14 3.22 10.33
N GLN A 136 -15.00 3.51 9.34
CA GLN A 136 -14.56 4.25 8.17
C GLN A 136 -14.04 5.62 8.56
N GLU A 137 -14.73 6.30 9.48
CA GLU A 137 -14.30 7.61 9.94
C GLU A 137 -13.00 7.52 10.72
N LEU A 138 -12.88 6.53 11.61
CA LEU A 138 -11.65 6.35 12.36
C LEU A 138 -10.50 5.93 11.45
N ALA A 139 -10.79 5.21 10.36
CA ALA A 139 -9.74 4.83 9.43
C ALA A 139 -9.16 6.04 8.72
N LYS A 140 -10.00 7.04 8.41
CA LYS A 140 -9.50 8.26 7.79
C LYS A 140 -8.55 9.00 8.72
N GLU A 141 -8.90 9.08 10.01
CA GLU A 141 -8.04 9.78 10.96
C GLU A 141 -6.73 9.04 11.18
N TYR A 142 -6.79 7.72 11.32
CA TYR A 142 -5.58 6.94 11.54
C TYR A 142 -4.64 7.02 10.33
N LYS A 143 -5.19 7.13 9.12
CA LYS A 143 -4.36 7.31 7.94
C LYS A 143 -3.57 8.61 8.01
N GLY A 144 -4.23 9.70 8.42
CA GLY A 144 -3.53 10.97 8.53
C GLY A 144 -2.46 10.96 9.59
N LEU A 145 -2.73 10.32 10.74
CA LEU A 145 -1.74 10.26 11.81
C LEU A 145 -0.53 9.43 11.40
N VAL A 146 -0.77 8.26 10.79
CA VAL A 146 0.33 7.42 10.35
C VAL A 146 1.12 8.11 9.24
N SER A 147 0.42 8.78 8.32
CA SER A 147 1.11 9.46 7.24
C SER A 147 2.05 10.54 7.76
N ALA A 148 1.62 11.28 8.79
CA ALA A 148 2.45 12.34 9.35
C ALA A 148 3.74 11.78 9.94
N ILE A 149 3.66 10.60 10.56
CA ILE A 149 4.87 9.98 11.11
C ILE A 149 5.80 9.54 9.99
N LEU A 150 5.24 8.95 8.94
CA LEU A 150 6.08 8.48 7.82
C LEU A 150 6.66 9.65 7.03
N GLN A 151 5.97 10.80 7.01
CA GLN A 151 6.49 11.95 6.29
C GLN A 151 7.75 12.51 6.95
N LYS A 152 7.77 12.57 8.29
CA LYS A 152 8.97 13.01 8.99
C LYS A 152 10.15 12.10 8.68
N ARG A 153 9.88 10.81 8.45
CA ARG A 153 10.90 9.85 8.07
C ARG A 153 11.21 9.87 6.58
N GLY A 154 10.38 10.54 5.78
CA GLY A 154 10.59 10.54 4.34
C GLY A 154 10.17 9.28 3.63
N ALA A 155 9.44 8.38 4.31
CA ALA A 155 9.00 7.12 3.72
C ALA A 155 7.73 7.37 2.91
N TRP A 156 7.91 7.93 1.72
CA TRP A 156 6.77 8.36 0.92
C TRP A 156 6.10 7.21 0.17
N GLN A 157 6.86 6.20 -0.25
CA GLN A 157 6.21 5.01 -0.82
C GLN A 157 5.37 4.31 0.24
N VAL A 158 5.84 4.32 1.50
CA VAL A 158 5.05 3.75 2.58
C VAL A 158 3.79 4.57 2.81
N VAL A 159 3.90 5.91 2.74
CA VAL A 159 2.72 6.76 2.79
C VAL A 159 1.74 6.38 1.70
N ASP A 160 2.25 6.14 0.49
CA ASP A 160 1.39 5.86 -0.65
C ASP A 160 0.64 4.55 -0.48
N VAL A 161 1.33 3.50 0.00
CA VAL A 161 0.68 2.20 0.10
C VAL A 161 -0.24 2.13 1.32
N VAL A 162 0.09 2.85 2.40
CA VAL A 162 -0.79 2.86 3.57
C VAL A 162 -2.10 3.57 3.26
N GLN A 163 -2.03 4.64 2.46
CA GLN A 163 -3.25 5.33 2.05
C GLN A 163 -4.18 4.46 1.22
N GLN A 164 -3.65 3.39 0.61
CA GLN A 164 -4.45 2.49 -0.20
C GLN A 164 -5.12 1.38 0.60
N ILE A 165 -4.84 1.27 1.90
CA ILE A 165 -5.48 0.26 2.74
C ILE A 165 -6.86 0.78 3.12
N ASP A 166 -7.88 0.34 2.40
CA ASP A 166 -9.22 0.89 2.56
C ASP A 166 -10.10 0.10 3.52
N ASP A 167 -9.66 -1.07 3.96
CA ASP A 167 -10.42 -1.84 4.94
C ASP A 167 -10.02 -1.40 6.34
N PRO A 168 -10.95 -0.88 7.15
CA PRO A 168 -10.57 -0.36 8.48
C PRO A 168 -9.91 -1.39 9.38
N SER A 169 -10.40 -2.63 9.38
CA SER A 169 -9.78 -3.66 10.20
C SER A 169 -8.35 -3.94 9.75
N THR A 170 -8.14 -4.04 8.43
CA THR A 170 -6.79 -4.25 7.92
C THR A 170 -5.89 -3.07 8.26
N LEU A 171 -6.44 -1.85 8.19
CA LEU A 171 -5.65 -0.66 8.50
C LEU A 171 -5.24 -0.63 9.96
N ALA A 172 -6.18 -0.93 10.87
CA ALA A 172 -5.85 -0.99 12.28
C ALA A 172 -4.78 -2.02 12.56
N ASP A 173 -4.88 -3.20 11.94
CA ASP A 173 -3.91 -4.25 12.13
C ASP A 173 -2.58 -3.95 11.46
N ASN A 174 -2.54 -2.98 10.54
CA ASN A 174 -1.27 -2.56 9.96
C ASN A 174 -0.36 -1.91 10.98
N SER A 175 -0.88 -1.56 12.16
CA SER A 175 -0.05 -1.03 13.24
C SER A 175 0.99 -2.02 13.72
N GLY A 176 0.89 -3.30 13.34
CA GLY A 176 1.90 -4.27 13.71
C GLY A 176 3.27 -3.98 13.11
N TYR A 177 3.34 -3.19 12.05
CA TYR A 177 4.60 -2.78 11.47
C TYR A 177 5.25 -1.61 12.21
N ALA A 178 4.53 -0.97 13.13
CA ALA A 178 5.03 0.24 13.78
C ALA A 178 6.17 -0.09 14.73
N PRO A 179 7.35 0.51 14.55
CA PRO A 179 8.45 0.23 15.50
C PRO A 179 8.27 0.94 16.83
N TYR A 180 7.39 1.93 16.92
CA TYR A 180 7.20 2.69 18.14
C TYR A 180 6.13 2.11 19.07
N LEU A 181 5.48 1.02 18.66
CA LEU A 181 4.54 0.32 19.52
C LEU A 181 5.22 -0.90 20.14
N THR A 182 5.02 -1.09 21.44
CA THR A 182 5.68 -2.19 22.12
C THR A 182 5.03 -3.52 21.73
N ASP A 183 5.80 -4.59 21.95
CA ASP A 183 5.27 -5.93 21.73
C ASP A 183 3.94 -6.14 22.46
N GLU A 184 3.87 -5.63 23.69
CA GLU A 184 2.65 -5.82 24.49
C GLU A 184 1.50 -4.99 23.94
N GLN A 185 1.79 -3.80 23.41
CA GLN A 185 0.75 -2.99 22.80
C GLN A 185 0.16 -3.69 21.58
N LYS A 186 1.00 -4.36 20.79
CA LYS A 186 0.51 -5.08 19.63
C LYS A 186 -0.29 -6.32 20.01
N ILE A 187 0.01 -6.90 21.18
CA ILE A 187 -0.80 -8.01 21.67
C ILE A 187 -2.21 -7.54 21.98
N GLU A 188 -2.34 -6.37 22.60
CA GLU A 188 -3.66 -5.82 22.90
C GLU A 188 -4.41 -5.48 21.62
N VAL A 189 -3.70 -5.02 20.58
CA VAL A 189 -4.34 -4.81 19.28
C VAL A 189 -4.89 -6.12 18.74
N LEU A 190 -4.13 -7.20 18.90
CA LEU A 190 -4.57 -8.51 18.43
C LEU A 190 -5.79 -8.99 19.20
N GLU A 191 -5.81 -8.79 20.52
CA GLU A 191 -6.89 -9.28 21.36
C GLU A 191 -8.11 -8.38 21.35
N THR A 192 -8.00 -7.15 20.83
CA THR A 192 -9.13 -6.23 20.75
C THR A 192 -9.91 -6.57 19.48
N VAL A 193 -11.02 -7.29 19.64
CA VAL A 193 -11.75 -7.81 18.49
C VAL A 193 -12.49 -6.71 17.75
N ASP A 194 -13.21 -5.87 18.50
CA ASP A 194 -14.00 -4.81 17.88
C ASP A 194 -13.09 -3.81 17.17
N VAL A 195 -13.42 -3.50 15.91
CA VAL A 195 -12.55 -2.67 15.09
C VAL A 195 -12.55 -1.23 15.58
N VAL A 196 -13.72 -0.72 16.00
CA VAL A 196 -13.83 0.67 16.42
C VAL A 196 -12.92 0.95 17.62
N GLU A 197 -13.06 0.14 18.68
CA GLU A 197 -12.20 0.34 19.84
C GLU A 197 -10.76 -0.08 19.57
N ARG A 198 -10.53 -0.90 18.54
CA ARG A 198 -9.16 -1.20 18.13
C ARG A 198 -8.53 0.01 17.44
N LEU A 199 -9.30 0.70 16.60
CA LEU A 199 -8.80 1.90 15.95
C LEU A 199 -8.55 3.01 16.95
N GLU A 200 -9.50 3.24 17.87
CA GLU A 200 -9.31 4.25 18.91
C GLU A 200 -8.09 3.93 19.77
N LEU A 201 -7.78 2.65 19.93
CA LEU A 201 -6.61 2.26 20.71
C LEU A 201 -5.32 2.67 20.01
N VAL A 202 -5.19 2.31 18.73
CA VAL A 202 -3.95 2.61 18.00
C VAL A 202 -3.88 4.09 17.64
N ILE A 203 -5.03 4.75 17.49
CA ILE A 203 -5.02 6.19 17.20
C ILE A 203 -4.43 6.97 18.37
N GLY A 204 -4.79 6.58 19.60
CA GLY A 204 -4.26 7.27 20.76
C GLY A 204 -2.75 7.11 20.89
N TRP A 205 -2.27 5.87 20.76
CA TRP A 205 -0.83 5.63 20.83
C TRP A 205 -0.09 6.37 19.71
N THR A 206 -0.64 6.33 18.49
CA THR A 206 -0.02 7.04 17.38
C THR A 206 -0.02 8.54 17.62
N ARG A 207 -1.13 9.06 18.17
CA ARG A 207 -1.19 10.47 18.53
C ARG A 207 -0.20 10.79 19.65
N ASP A 208 0.05 9.83 20.55
CA ASP A 208 1.05 10.04 21.60
C ASP A 208 2.45 10.07 21.02
N HIS A 209 2.76 9.17 20.07
CA HIS A 209 4.09 9.15 19.48
C HIS A 209 4.37 10.41 18.68
N LEU A 210 3.34 10.98 18.04
CA LEU A 210 3.52 12.23 17.31
C LEU A 210 3.82 13.39 18.24
N ALA A 211 3.29 13.36 19.46
CA ALA A 211 3.47 14.45 20.41
C ALA A 211 4.82 14.42 21.12
N GLU A 212 5.65 13.42 20.85
CA GLU A 212 6.97 13.34 21.48
C GLU A 212 7.98 14.22 20.76
N ALA B 1 -21.86 15.38 -45.24
CA ALA B 1 -21.79 14.23 -44.36
C ALA B 1 -20.81 14.47 -43.21
N MET B 2 -21.10 15.50 -42.40
CA MET B 2 -20.31 15.74 -41.20
C MET B 2 -20.61 14.66 -40.16
N ASP B 3 -19.58 14.26 -39.43
CA ASP B 3 -19.75 13.27 -38.36
C ASP B 3 -20.32 13.99 -37.14
N LEU B 4 -21.57 13.68 -36.80
CA LEU B 4 -22.26 14.29 -35.69
C LEU B 4 -22.32 13.39 -34.46
N GLU B 5 -21.45 12.38 -34.40
CA GLU B 5 -21.33 11.51 -33.23
C GLU B 5 -19.90 11.43 -32.73
N LEU B 6 -19.08 12.45 -33.02
CA LEU B 6 -17.68 12.44 -32.61
C LEU B 6 -17.57 12.54 -31.09
N SER B 7 -16.73 11.70 -30.51
CA SER B 7 -16.43 11.78 -29.09
C SER B 7 -15.48 12.94 -28.85
N MET B 8 -15.86 13.86 -27.97
CA MET B 8 -15.08 15.04 -27.66
C MET B 8 -14.66 14.99 -26.20
N SER B 9 -13.37 15.04 -25.94
CA SER B 9 -12.85 15.08 -24.59
C SER B 9 -12.64 16.52 -24.15
N GLU B 10 -12.68 16.72 -22.83
CA GLU B 10 -12.54 18.06 -22.27
C GLU B 10 -11.07 18.48 -22.25
N THR B 11 -10.83 19.76 -22.50
CA THR B 11 -9.49 20.32 -22.51
C THR B 11 -9.27 21.14 -21.24
N LEU B 12 -8.28 20.75 -20.46
CA LEU B 12 -7.94 21.45 -19.22
C LEU B 12 -6.84 22.48 -19.47
N THR B 13 -6.81 23.49 -18.60
CA THR B 13 -5.77 24.50 -18.59
C THR B 13 -5.12 24.49 -17.22
N LEU B 14 -3.83 24.17 -17.18
CA LEU B 14 -3.11 23.96 -15.92
C LEU B 14 -1.76 24.64 -15.98
N PRO B 15 -1.24 25.09 -14.83
CA PRO B 15 0.13 25.61 -14.80
C PRO B 15 1.13 24.47 -14.77
N VAL B 16 2.23 24.65 -15.50
CA VAL B 16 3.24 23.61 -15.62
C VAL B 16 4.20 23.68 -14.44
N LEU B 17 4.26 22.58 -13.69
CA LEU B 17 5.22 22.47 -12.56
C LEU B 17 6.32 21.52 -13.05
N PRO B 18 7.46 22.05 -13.55
CA PRO B 18 8.53 21.21 -14.09
C PRO B 18 9.27 20.39 -13.03
N LEU B 19 9.58 19.15 -13.36
CA LEU B 19 10.34 18.23 -12.47
C LEU B 19 11.70 17.94 -13.12
N GLU B 20 12.77 18.54 -12.60
CA GLU B 20 14.13 18.33 -13.18
C GLU B 20 14.51 16.86 -13.06
N ASP B 21 14.24 16.26 -11.89
CA ASP B 21 14.57 14.83 -11.66
C ASP B 21 13.36 14.13 -11.03
N GLY B 22 13.05 12.92 -11.52
CA GLY B 22 11.94 12.12 -10.99
C GLY B 22 10.66 12.36 -11.78
N VAL B 23 9.82 11.34 -11.89
CA VAL B 23 8.54 11.44 -12.63
C VAL B 23 7.40 11.09 -11.68
N VAL B 24 6.38 11.94 -11.60
CA VAL B 24 5.21 11.67 -10.72
C VAL B 24 4.12 11.01 -11.58
N LEU B 25 3.82 9.74 -11.29
CA LEU B 25 2.80 9.01 -12.02
C LEU B 25 1.47 9.07 -11.29
N PRO B 26 0.36 8.84 -11.98
CA PRO B 26 -0.93 8.79 -11.29
C PRO B 26 -0.93 7.75 -10.18
N GLY B 27 -1.50 8.13 -9.04
CA GLY B 27 -1.52 7.26 -7.87
C GLY B 27 -0.39 7.47 -6.90
N MET B 28 0.61 8.28 -7.25
CA MET B 28 1.74 8.54 -6.36
C MET B 28 1.52 9.81 -5.57
N VAL B 29 2.15 9.88 -4.39
CA VAL B 29 2.14 11.07 -3.55
C VAL B 29 3.56 11.34 -3.13
N VAL B 30 4.05 12.55 -3.40
CA VAL B 30 5.46 12.88 -3.21
C VAL B 30 5.57 14.30 -2.65
N PRO B 31 6.69 14.61 -2.01
CA PRO B 31 6.94 15.98 -1.55
C PRO B 31 7.56 16.83 -2.65
N LEU B 32 7.43 18.14 -2.48
CA LEU B 32 7.98 19.11 -3.42
C LEU B 32 8.79 20.13 -2.64
N ASP B 33 10.09 20.20 -2.93
CA ASP B 33 10.97 21.14 -2.26
C ASP B 33 10.84 22.50 -2.95
N LEU B 34 10.26 23.47 -2.23
CA LEU B 34 10.05 24.80 -2.77
C LEU B 34 11.18 25.77 -2.46
N SER B 35 12.26 25.29 -1.86
CA SER B 35 13.34 26.18 -1.42
C SER B 35 14.17 26.64 -2.61
N GLU B 36 14.31 27.97 -2.74
CA GLU B 36 15.15 28.58 -3.77
C GLU B 36 14.77 28.08 -5.16
N ASN B 37 13.48 27.82 -5.36
CA ASN B 37 12.95 27.29 -6.61
C ASN B 37 11.77 28.18 -7.02
N GLY B 38 12.05 29.20 -7.83
CA GLY B 38 11.01 30.13 -8.23
C GLY B 38 10.00 29.51 -9.17
N GLU B 39 10.45 28.62 -10.05
CA GLU B 39 9.54 28.01 -11.03
C GLU B 39 8.48 27.16 -10.35
N VAL B 40 8.88 26.34 -9.37
CA VAL B 40 7.93 25.44 -8.73
C VAL B 40 6.95 26.23 -7.86
N ARG B 41 7.44 27.21 -7.12
CA ARG B 41 6.56 28.00 -6.26
C ARG B 41 5.62 28.87 -7.07
N ALA B 42 6.06 29.34 -8.25
CA ALA B 42 5.19 30.14 -9.10
C ALA B 42 4.06 29.30 -9.68
N ALA B 43 4.33 28.04 -9.99
CA ALA B 43 3.29 27.16 -10.50
C ALA B 43 2.23 26.90 -9.44
N ILE B 44 2.65 26.71 -8.18
CA ILE B 44 1.68 26.48 -7.11
C ILE B 44 0.85 27.72 -6.84
N GLU B 45 1.48 28.90 -6.89
CA GLU B 45 0.75 30.13 -6.63
C GLU B 45 -0.18 30.47 -7.79
N ALA B 46 0.24 30.20 -9.03
CA ALA B 46 -0.66 30.35 -10.16
C ALA B 46 -1.84 29.38 -10.05
N ALA B 47 -1.58 28.17 -9.54
CA ALA B 47 -2.66 27.21 -9.34
C ALA B 47 -3.60 27.66 -8.24
N ARG B 48 -3.06 28.25 -7.17
CA ARG B 48 -3.90 28.72 -6.07
C ARG B 48 -4.80 29.85 -6.54
N ALA B 49 -4.22 30.83 -7.26
CA ALA B 49 -5.01 31.96 -7.76
C ALA B 49 -6.11 31.48 -8.71
N ALA B 50 -5.77 30.53 -9.58
CA ALA B 50 -6.75 29.99 -10.55
C ALA B 50 -7.82 29.21 -9.79
N ALA B 51 -7.54 28.88 -8.52
CA ALA B 51 -8.47 28.13 -7.65
C ALA B 51 -9.15 29.11 -6.69
N GLN B 52 -8.98 30.41 -6.89
CA GLN B 52 -9.60 31.40 -5.95
C GLN B 52 -11.11 31.17 -5.96
N SER B 53 -11.69 31.15 -4.77
CA SER B 53 -13.13 30.89 -4.55
C SER B 53 -14.01 32.03 -5.08
N ARG B 54 -15.19 31.67 -5.59
CA ARG B 54 -15.88 32.44 -6.67
C ARG B 54 -17.23 32.99 -6.18
N GLY B 55 -17.46 33.02 -4.88
CA GLY B 55 -18.75 33.47 -4.32
C GLY B 55 -18.59 34.54 -3.25
N PRO B 56 -19.64 35.33 -2.94
CA PRO B 56 -19.54 36.37 -1.91
C PRO B 56 -19.28 35.84 -0.49
N GLY B 57 -20.03 34.82 -0.07
CA GLY B 57 -19.83 34.22 1.27
C GLY B 57 -19.87 32.70 1.25
N ILE B 58 -20.40 32.12 0.16
CA ILE B 58 -20.56 30.63 0.04
C ILE B 58 -19.33 30.06 -0.66
N ARG B 59 -18.37 30.92 -1.00
CA ARG B 59 -17.15 30.51 -1.74
C ARG B 59 -16.32 29.52 -0.91
N SER B 60 -15.89 28.42 -1.54
CA SER B 60 -15.04 27.39 -0.88
C SER B 60 -13.75 27.24 -1.70
N VAL B 61 -12.59 27.38 -1.05
CA VAL B 61 -11.28 27.28 -1.75
C VAL B 61 -10.95 25.81 -2.06
N SER B 62 -10.75 25.47 -3.33
CA SER B 62 -10.40 24.11 -3.71
C SER B 62 -8.88 23.92 -3.64
N LYS B 63 -8.48 22.66 -3.66
CA LYS B 63 -7.06 22.33 -3.67
C LYS B 63 -6.43 22.77 -4.99
N PRO B 64 -5.23 23.35 -4.96
CA PRO B 64 -4.58 23.77 -6.21
C PRO B 64 -4.29 22.58 -7.13
N ARG B 65 -4.44 22.81 -8.43
CA ARG B 65 -4.20 21.79 -9.44
C ARG B 65 -3.05 22.23 -10.33
N VAL B 66 -2.03 21.37 -10.45
CA VAL B 66 -0.87 21.65 -11.27
C VAL B 66 -0.67 20.50 -12.25
N LEU B 67 0.16 20.75 -13.26
CA LEU B 67 0.55 19.74 -14.24
C LEU B 67 2.02 19.40 -14.01
N LEU B 68 2.27 18.23 -13.45
CA LEU B 68 3.62 17.77 -13.16
C LEU B 68 4.23 17.19 -14.44
N VAL B 69 5.16 17.92 -15.04
CA VAL B 69 5.73 17.58 -16.34
C VAL B 69 7.22 17.31 -16.16
N PRO B 70 7.78 16.04 -16.57
CA PRO B 70 9.30 15.28 -16.64
C PRO B 70 10.12 16.10 -17.64
N ARG B 71 10.93 17.05 -17.15
CA ARG B 71 11.76 17.87 -18.08
C ARG B 71 13.23 17.80 -17.69
N LEU B 72 14.10 17.36 -18.61
CA LEU B 72 15.56 17.36 -18.36
C LEU B 72 16.23 18.18 -19.48
N ASN B 73 16.87 19.30 -19.12
CA ASN B 73 17.51 20.17 -20.14
C ASN B 73 16.50 20.51 -21.24
N GLY B 74 15.29 20.95 -20.87
CA GLY B 74 14.24 21.29 -21.86
C GLY B 74 13.52 20.05 -22.36
N ARG B 75 12.86 20.16 -23.52
CA ARG B 75 12.13 19.01 -24.11
C ARG B 75 11.12 18.40 -23.12
N TYR B 76 10.18 19.22 -22.63
CA TYR B 76 9.08 18.78 -21.73
C TYR B 76 8.35 17.57 -22.35
N ALA B 77 7.89 16.63 -21.52
CA ALA B 77 7.25 15.44 -22.04
C ALA B 77 5.90 15.78 -22.65
N ASP B 78 5.44 14.94 -23.59
CA ASP B 78 4.16 15.15 -24.24
C ASP B 78 2.98 14.87 -23.32
N VAL B 79 3.21 14.22 -22.18
CA VAL B 79 2.17 13.90 -21.22
C VAL B 79 2.66 14.32 -19.83
N GLY B 80 1.82 15.03 -19.10
CA GLY B 80 2.07 15.37 -17.71
C GLY B 80 1.09 14.63 -16.80
N THR B 81 1.33 14.76 -15.50
CA THR B 81 0.47 14.17 -14.49
C THR B 81 -0.31 15.27 -13.80
N LEU B 82 -1.64 15.18 -13.86
CA LEU B 82 -2.48 16.10 -13.10
C LEU B 82 -2.22 15.91 -11.61
N GLY B 83 -1.76 16.96 -10.96
CA GLY B 83 -1.39 16.90 -9.55
C GLY B 83 -2.28 17.78 -8.71
N VAL B 84 -2.65 17.27 -7.53
CA VAL B 84 -3.44 18.01 -6.55
C VAL B 84 -2.53 18.33 -5.37
N ILE B 85 -2.35 19.62 -5.10
CA ILE B 85 -1.57 20.05 -3.95
C ILE B 85 -2.35 19.72 -2.69
N GLU B 86 -1.98 18.63 -2.02
CA GLU B 86 -2.74 18.16 -0.87
C GLU B 86 -2.40 18.95 0.38
N GLN B 87 -1.13 19.27 0.60
CA GLN B 87 -0.70 19.95 1.81
C GLN B 87 0.39 20.95 1.45
N GLU B 88 0.50 21.99 2.29
CA GLU B 88 1.58 22.96 2.19
C GLU B 88 2.09 23.27 3.59
N GLY B 89 3.41 23.31 3.73
CA GLY B 89 4.03 23.58 5.01
C GLY B 89 5.54 23.51 4.92
N ARG B 90 6.17 22.84 5.89
CA ARG B 90 7.62 22.67 5.90
C ARG B 90 7.97 21.19 5.98
N LEU B 91 8.90 20.77 5.12
CA LEU B 91 9.36 19.40 5.10
C LEU B 91 10.20 19.11 6.35
N PRO B 92 10.41 17.83 6.67
CA PRO B 92 11.21 17.51 7.87
C PRO B 92 12.60 18.12 7.87
N GLY B 93 13.22 18.29 6.70
CA GLY B 93 14.52 18.93 6.62
C GLY B 93 14.52 20.42 6.85
N GLY B 94 13.34 21.04 6.99
CA GLY B 94 13.24 22.47 7.20
C GLY B 94 12.92 23.27 5.96
N GLU B 95 12.90 22.62 4.80
CA GLU B 95 12.61 23.33 3.56
C GLU B 95 11.14 23.70 3.47
N PRO B 96 10.82 24.82 2.81
CA PRO B 96 9.42 25.07 2.44
C PRO B 96 8.97 24.02 1.43
N GLY B 97 7.84 23.37 1.72
CA GLY B 97 7.47 22.19 0.98
C GLY B 97 5.99 22.18 0.63
N ALA B 98 5.65 21.23 -0.25
CA ALA B 98 4.27 20.95 -0.61
C ALA B 98 4.15 19.45 -0.87
N VAL B 99 2.95 18.92 -0.65
CA VAL B 99 2.66 17.51 -0.89
C VAL B 99 1.68 17.45 -2.06
N VAL B 100 2.07 16.73 -3.11
CA VAL B 100 1.27 16.63 -4.32
C VAL B 100 0.89 15.17 -4.55
N ARG B 101 -0.32 14.96 -5.05
CA ARG B 101 -0.82 13.63 -5.38
C ARG B 101 -1.10 13.56 -6.88
N GLY B 102 -0.49 12.60 -7.55
CA GLY B 102 -0.75 12.38 -8.97
C GLY B 102 -2.11 11.75 -9.19
N VAL B 103 -2.91 12.35 -10.07
CA VAL B 103 -4.29 11.95 -10.29
C VAL B 103 -4.45 11.17 -11.60
N SER B 104 -4.11 11.79 -12.73
CA SER B 104 -4.37 11.17 -14.02
C SER B 104 -3.39 11.71 -15.06
N ARG B 105 -3.34 11.03 -16.21
CA ARG B 105 -2.47 11.46 -17.29
C ARG B 105 -3.16 12.53 -18.13
N VAL B 106 -2.39 13.53 -18.54
CA VAL B 106 -2.89 14.66 -19.30
C VAL B 106 -2.01 14.82 -20.54
N ARG B 107 -2.62 14.76 -21.72
CA ARG B 107 -1.89 14.95 -22.97
C ARG B 107 -1.67 16.44 -23.20
N ILE B 108 -0.40 16.85 -23.20
CA ILE B 108 -0.06 18.27 -23.29
C ILE B 108 -0.28 18.75 -24.71
N GLY B 109 -1.10 19.78 -24.87
CA GLY B 109 -1.40 20.33 -26.17
C GLY B 109 -0.93 21.76 -26.36
N THR B 110 -1.84 22.63 -26.82
CA THR B 110 -1.49 24.01 -27.11
C THR B 110 -1.18 24.78 -25.84
N GLY B 111 -0.23 25.72 -25.96
CA GLY B 111 0.01 26.65 -24.89
C GLY B 111 -1.06 27.72 -24.80
N THR B 112 -1.18 28.33 -23.63
CA THR B 112 -2.23 29.31 -23.39
C THR B 112 -1.77 30.28 -22.31
N THR B 113 -2.70 31.03 -21.75
CA THR B 113 -2.41 32.05 -20.75
C THR B 113 -3.18 31.76 -19.47
N GLY B 114 -2.72 32.38 -18.38
CA GLY B 114 -3.35 32.23 -17.09
C GLY B 114 -2.75 33.16 -16.06
N PRO B 115 -3.33 33.19 -14.86
CA PRO B 115 -2.82 34.07 -13.81
C PRO B 115 -1.45 33.60 -13.31
N GLY B 116 -0.80 34.50 -12.56
CA GLY B 116 0.50 34.19 -12.00
C GLY B 116 1.61 34.26 -13.03
N ALA B 117 2.81 33.92 -12.58
CA ALA B 117 4.01 33.96 -13.42
C ALA B 117 4.37 32.60 -14.00
N ALA B 118 3.50 31.60 -13.85
CA ALA B 118 3.77 30.26 -14.33
C ALA B 118 3.41 30.10 -15.80
N LEU B 119 3.96 29.07 -16.41
CA LEU B 119 3.64 28.73 -17.79
C LEU B 119 2.37 27.88 -17.82
N TRP B 120 1.43 28.28 -18.67
CA TRP B 120 0.15 27.59 -18.79
C TRP B 120 0.09 26.86 -20.13
N VAL B 121 -0.46 25.64 -20.10
CA VAL B 121 -0.67 24.84 -21.30
C VAL B 121 -2.06 24.23 -21.25
N GLU B 122 -2.58 23.91 -22.42
CA GLU B 122 -3.83 23.17 -22.52
C GLU B 122 -3.54 21.68 -22.54
N GLY B 123 -4.45 20.91 -21.93
CA GLY B 123 -4.24 19.48 -21.83
C GLY B 123 -5.56 18.73 -21.79
N THR B 124 -5.48 17.43 -22.07
CA THR B 124 -6.64 16.56 -22.14
C THR B 124 -6.44 15.38 -21.21
N VAL B 125 -7.39 15.18 -20.30
CA VAL B 125 -7.33 14.01 -19.42
C VAL B 125 -7.47 12.75 -20.28
N LEU B 126 -6.55 11.81 -20.08
CA LEU B 126 -6.52 10.59 -20.86
C LEU B 126 -7.28 9.50 -20.13
N GLU B 127 -8.14 8.79 -20.86
CA GLU B 127 -9.05 7.83 -20.25
C GLU B 127 -8.29 6.73 -19.53
N ALA B 128 -8.92 6.20 -18.49
CA ALA B 128 -8.46 4.98 -17.83
C ALA B 128 -9.51 3.90 -18.08
N PRO B 129 -9.51 3.29 -19.27
CA PRO B 129 -10.55 2.32 -19.59
C PRO B 129 -10.45 1.10 -18.68
N PRO B 130 -11.56 0.40 -18.46
CA PRO B 130 -11.52 -0.78 -17.58
C PRO B 130 -10.49 -1.79 -18.04
N ALA B 131 -9.78 -2.36 -17.06
CA ALA B 131 -8.67 -3.26 -17.36
C ALA B 131 -9.14 -4.47 -18.15
N SER B 132 -8.40 -4.80 -19.21
CA SER B 132 -8.71 -5.97 -20.01
C SER B 132 -8.52 -7.23 -19.19
N GLY B 133 -9.10 -8.33 -19.70
CA GLY B 133 -8.82 -9.63 -19.10
C GLY B 133 -7.35 -9.98 -19.17
N ARG B 134 -6.73 -9.69 -20.33
CA ARG B 134 -5.28 -9.88 -20.46
C ARG B 134 -4.52 -8.98 -19.51
N ALA B 135 -5.03 -7.76 -19.27
CA ALA B 135 -4.37 -6.87 -18.32
C ALA B 135 -4.36 -7.45 -16.92
N GLN B 136 -5.39 -8.23 -16.56
CA GLN B 136 -5.41 -8.88 -15.26
C GLN B 136 -4.30 -9.91 -15.13
N GLU B 137 -4.02 -10.65 -16.23
CA GLU B 137 -2.93 -11.63 -16.20
C GLU B 137 -1.57 -10.95 -16.18
N LEU B 138 -1.44 -9.78 -16.81
CA LEU B 138 -0.19 -9.03 -16.73
C LEU B 138 0.07 -8.56 -15.31
N ALA B 139 -1.00 -8.17 -14.60
CA ALA B 139 -0.85 -7.69 -13.22
C ALA B 139 -0.43 -8.82 -12.29
N LYS B 140 -1.02 -10.00 -12.45
CA LYS B 140 -0.66 -11.14 -11.61
C LYS B 140 0.78 -11.54 -11.82
N GLU B 141 1.24 -11.55 -13.08
CA GLU B 141 2.64 -11.87 -13.35
C GLU B 141 3.57 -10.77 -12.83
N TYR B 142 3.18 -9.51 -12.97
CA TYR B 142 4.04 -8.41 -12.55
C TYR B 142 4.18 -8.36 -11.03
N LYS B 143 3.14 -8.78 -10.29
CA LYS B 143 3.24 -8.76 -8.84
C LYS B 143 4.32 -9.70 -8.33
N GLY B 144 4.45 -10.88 -8.96
CA GLY B 144 5.50 -11.80 -8.56
C GLY B 144 6.89 -11.25 -8.78
N LEU B 145 7.07 -10.45 -9.83
CA LEU B 145 8.38 -9.87 -10.11
C LEU B 145 8.74 -8.80 -9.09
N VAL B 146 7.81 -7.86 -8.85
CA VAL B 146 8.10 -6.77 -7.92
C VAL B 146 8.17 -7.29 -6.48
N SER B 147 7.47 -8.39 -6.18
CA SER B 147 7.54 -8.95 -4.84
C SER B 147 8.93 -9.48 -4.53
N ALA B 148 9.56 -10.14 -5.51
CA ALA B 148 10.90 -10.67 -5.29
C ALA B 148 11.90 -9.55 -5.02
N ILE B 149 11.79 -8.44 -5.75
CA ILE B 149 12.69 -7.31 -5.52
C ILE B 149 12.42 -6.67 -4.16
N LEU B 150 11.16 -6.48 -3.81
CA LEU B 150 10.83 -5.85 -2.53
C LEU B 150 11.25 -6.75 -1.36
N GLN B 151 10.98 -8.06 -1.45
CA GLN B 151 11.38 -8.97 -0.39
C GLN B 151 12.90 -9.04 -0.28
N LYS B 152 13.59 -8.99 -1.41
CA LYS B 152 15.05 -8.91 -1.38
C LYS B 152 15.50 -7.61 -0.70
N ARG B 153 14.77 -6.52 -0.93
CA ARG B 153 15.06 -5.24 -0.29
C ARG B 153 14.61 -5.20 1.17
N GLY B 154 13.79 -6.15 1.61
CA GLY B 154 13.29 -6.14 2.97
C GLY B 154 12.15 -5.18 3.22
N ALA B 155 11.49 -4.72 2.16
CA ALA B 155 10.39 -3.77 2.27
C ALA B 155 9.08 -4.56 2.41
N TRP B 156 8.85 -5.05 3.64
CA TRP B 156 7.71 -5.94 3.88
C TRP B 156 6.41 -5.18 4.01
N GLN B 157 6.45 -3.97 4.59
CA GLN B 157 5.25 -3.13 4.62
C GLN B 157 4.79 -2.80 3.20
N VAL B 158 5.74 -2.59 2.29
CA VAL B 158 5.39 -2.20 0.92
C VAL B 158 4.85 -3.40 0.16
N VAL B 159 5.58 -4.53 0.17
CA VAL B 159 5.15 -5.71 -0.57
C VAL B 159 3.81 -6.23 -0.07
N ASP B 160 3.47 -5.93 1.19
CA ASP B 160 2.15 -6.30 1.72
C ASP B 160 1.04 -5.68 0.87
N VAL B 161 1.13 -4.37 0.63
CA VAL B 161 0.05 -3.66 -0.06
C VAL B 161 0.15 -3.84 -1.57
N VAL B 162 1.38 -3.90 -2.10
CA VAL B 162 1.56 -3.94 -3.55
C VAL B 162 0.88 -5.17 -4.14
N GLN B 163 1.00 -6.32 -3.49
CA GLN B 163 0.36 -7.53 -4.01
C GLN B 163 -1.14 -7.57 -3.71
N GLN B 164 -1.70 -6.54 -3.08
CA GLN B 164 -3.13 -6.41 -2.90
C GLN B 164 -3.75 -5.37 -3.83
N ILE B 165 -2.94 -4.71 -4.65
CA ILE B 165 -3.42 -3.67 -5.55
C ILE B 165 -4.23 -4.34 -6.67
N ASP B 166 -5.54 -4.10 -6.69
CA ASP B 166 -6.41 -4.79 -7.64
C ASP B 166 -6.33 -4.17 -9.03
N ASP B 167 -6.18 -2.86 -9.11
CA ASP B 167 -6.20 -2.17 -10.40
C ASP B 167 -4.84 -2.31 -11.08
N PRO B 168 -4.77 -2.91 -12.27
CA PRO B 168 -3.46 -3.05 -12.94
C PRO B 168 -2.81 -1.72 -13.30
N SER B 169 -3.61 -0.68 -13.56
CA SER B 169 -3.03 0.61 -13.90
C SER B 169 -2.31 1.23 -12.70
N THR B 170 -2.95 1.18 -11.52
CA THR B 170 -2.31 1.68 -10.31
C THR B 170 -1.07 0.86 -9.98
N LEU B 171 -1.12 -0.45 -10.19
CA LEU B 171 0.03 -1.32 -9.94
C LEU B 171 1.21 -0.93 -10.83
N ALA B 172 0.95 -0.67 -12.11
CA ALA B 172 2.03 -0.31 -13.02
C ALA B 172 2.61 1.06 -12.68
N ASP B 173 1.75 2.02 -12.33
CA ASP B 173 2.20 3.37 -12.01
C ASP B 173 2.92 3.45 -10.67
N ASN B 174 2.83 2.43 -9.83
CA ASN B 174 3.59 2.44 -8.58
C ASN B 174 5.07 2.24 -8.81
N SER B 175 5.49 1.87 -10.02
CA SER B 175 6.90 1.75 -10.35
C SER B 175 7.63 3.08 -10.32
N GLY B 176 6.92 4.21 -10.25
CA GLY B 176 7.57 5.50 -10.11
C GLY B 176 8.35 5.65 -8.83
N TYR B 177 8.05 4.85 -7.81
CA TYR B 177 8.82 4.85 -6.58
C TYR B 177 10.08 3.99 -6.66
N ALA B 178 10.22 3.20 -7.72
CA ALA B 178 11.31 2.23 -7.79
C ALA B 178 12.62 2.93 -8.10
N PRO B 179 13.65 2.78 -7.26
CA PRO B 179 14.96 3.36 -7.61
C PRO B 179 15.63 2.63 -8.76
N TYR B 180 15.29 1.37 -9.00
CA TYR B 180 15.94 0.58 -10.04
C TYR B 180 15.44 0.89 -11.44
N LEU B 181 14.59 1.90 -11.59
CA LEU B 181 14.11 2.33 -12.90
C LEU B 181 14.58 3.76 -13.16
N THR B 182 14.94 4.03 -14.40
CA THR B 182 15.41 5.35 -14.78
C THR B 182 14.24 6.23 -15.21
N ASP B 183 14.49 7.54 -15.22
CA ASP B 183 13.43 8.49 -15.55
C ASP B 183 12.99 8.37 -17.00
N GLU B 184 13.93 8.06 -17.92
CA GLU B 184 13.55 7.85 -19.31
C GLU B 184 12.57 6.71 -19.44
N GLN B 185 12.76 5.66 -18.62
CA GLN B 185 11.75 4.59 -18.57
C GLN B 185 10.47 5.08 -17.90
N LYS B 186 10.60 5.87 -16.84
CA LYS B 186 9.42 6.39 -16.14
C LYS B 186 8.61 7.32 -17.02
N ILE B 187 9.28 8.13 -17.84
CA ILE B 187 8.56 9.02 -18.75
C ILE B 187 7.77 8.20 -19.76
N GLU B 188 8.33 7.09 -20.22
CA GLU B 188 7.62 6.21 -21.14
C GLU B 188 6.42 5.55 -20.46
N VAL B 189 6.54 5.24 -19.17
CA VAL B 189 5.38 4.78 -18.41
C VAL B 189 4.32 5.89 -18.37
N LEU B 190 4.76 7.13 -18.13
CA LEU B 190 3.84 8.26 -18.20
C LEU B 190 3.30 8.47 -19.60
N GLU B 191 4.04 7.96 -20.60
CA GLU B 191 3.70 8.12 -22.03
C GLU B 191 2.61 7.14 -22.50
N THR B 192 2.68 5.86 -22.12
CA THR B 192 1.69 4.89 -22.67
C THR B 192 0.43 4.79 -21.82
N VAL B 193 -0.69 5.29 -22.35
CA VAL B 193 -2.02 5.28 -21.67
C VAL B 193 -2.54 3.85 -21.49
N ASP B 194 -2.40 2.99 -22.50
CA ASP B 194 -2.92 1.60 -22.43
C ASP B 194 -2.26 0.87 -21.26
N VAL B 195 -3.06 0.25 -20.40
CA VAL B 195 -2.51 -0.46 -19.25
C VAL B 195 -1.80 -1.75 -19.68
N VAL B 196 -2.28 -2.39 -20.75
CA VAL B 196 -1.65 -3.61 -21.22
C VAL B 196 -0.23 -3.34 -21.67
N GLU B 197 -0.02 -2.22 -22.37
CA GLU B 197 1.33 -1.88 -22.84
C GLU B 197 2.26 -1.59 -21.67
N ARG B 198 1.79 -0.82 -20.67
CA ARG B 198 2.64 -0.44 -19.56
C ARG B 198 3.11 -1.65 -18.77
N LEU B 199 2.16 -2.52 -18.38
CA LEU B 199 2.53 -3.75 -17.68
C LEU B 199 3.50 -4.58 -18.51
N GLU B 200 3.19 -4.76 -19.79
CA GLU B 200 4.08 -5.45 -20.71
C GLU B 200 5.41 -4.72 -20.87
N LEU B 201 5.44 -3.41 -20.63
CA LEU B 201 6.70 -2.66 -20.62
C LEU B 201 7.46 -2.88 -19.32
N VAL B 202 6.79 -2.71 -18.18
CA VAL B 202 7.50 -2.76 -16.90
C VAL B 202 7.88 -4.21 -16.54
N ILE B 203 7.11 -5.19 -17.02
CA ILE B 203 7.45 -6.58 -16.74
C ILE B 203 8.79 -6.93 -17.37
N GLY B 204 9.03 -6.47 -18.60
CA GLY B 204 10.31 -6.71 -19.24
C GLY B 204 11.46 -6.01 -18.55
N TRP B 205 11.26 -4.75 -18.14
CA TRP B 205 12.30 -4.02 -17.44
C TRP B 205 12.58 -4.62 -16.07
N THR B 206 11.55 -5.14 -15.40
CA THR B 206 11.74 -5.74 -14.08
C THR B 206 12.51 -7.04 -14.18
N ARG B 207 12.20 -7.87 -15.18
CA ARG B 207 12.91 -9.12 -15.36
C ARG B 207 14.39 -8.88 -15.68
N ASP B 208 14.67 -7.91 -16.54
CA ASP B 208 16.05 -7.64 -16.92
C ASP B 208 16.84 -6.92 -15.82
N HIS B 209 16.19 -6.54 -14.73
CA HIS B 209 16.89 -6.06 -13.55
C HIS B 209 17.02 -7.13 -12.48
N LEU B 210 16.10 -8.09 -12.44
CA LEU B 210 16.18 -9.20 -11.50
C LEU B 210 17.33 -10.13 -11.86
#